data_4TN5
#
_entry.id   4TN5
#
_cell.length_a   33.110
_cell.length_b   33.110
_cell.length_c   154.281
_cell.angle_alpha   90.00
_cell.angle_beta   90.00
_cell.angle_gamma   120.00
#
_symmetry.space_group_name_H-M   'P 32'
#
loop_
_entity.id
_entity.type
_entity.pdbx_description
1 polymer 'Fructose-like phosphotransferase enzyme IIB component 3'
2 non-polymer 'NICKEL (II) ION'
3 water water
#
_entity_poly.entity_id   1
_entity_poly.type   'polypeptide(L)'
_entity_poly.pdbx_seq_one_letter_code
;(MSE)AYLVAVTACVSGVAHTY(MSE)AAERLEKLCLLEKWGVSIETQGALGTENRLADEDIRRADVALLITDIELAGAE
RFEHCRYVQCSIYAFLREPQRV(MSE)SAVRKVLSAPQQTHLILE
;
_entity_poly.pdbx_strand_id   A,B
#
# COMPACT_ATOMS: atom_id res chain seq x y z
N ALA A 2 -3.65 20.33 8.11
CA ALA A 2 -3.77 19.04 7.46
C ALA A 2 -4.96 18.28 8.04
N TYR A 3 -5.58 17.43 7.23
CA TYR A 3 -6.78 16.73 7.65
C TYR A 3 -6.65 15.21 7.57
N LEU A 4 -6.87 14.56 8.71
CA LEU A 4 -6.69 13.12 8.85
C LEU A 4 -8.02 12.42 9.12
N VAL A 5 -8.26 11.31 8.45
CA VAL A 5 -9.38 10.44 8.82
C VAL A 5 -8.83 9.15 9.42
N ALA A 6 -9.55 8.57 10.37
CA ALA A 6 -9.03 7.41 11.07
C ALA A 6 -10.09 6.37 11.39
N VAL A 7 -9.65 5.11 11.45
CA VAL A 7 -10.51 4.02 11.87
C VAL A 7 -9.78 3.16 12.90
N THR A 8 -10.36 3.06 14.08
CA THR A 8 -9.82 2.19 15.11
C THR A 8 -10.73 0.97 15.25
N ALA A 9 -10.15 -0.22 15.28
CA ALA A 9 -10.95 -1.44 15.32
C ALA A 9 -10.41 -2.50 16.26
N CYS A 10 -11.32 -3.10 17.03
CA CYS A 10 -10.97 -4.19 17.92
C CYS A 10 -12.17 -5.11 18.12
N VAL A 11 -11.97 -6.42 18.00
CA VAL A 11 -13.04 -7.37 18.29
C VAL A 11 -13.42 -7.37 19.76
N SER A 12 -12.42 -7.26 20.64
CA SER A 12 -12.70 -7.46 22.06
C SER A 12 -13.27 -6.21 22.69
N GLY A 13 -14.51 -5.92 22.29
CA GLY A 13 -15.34 -4.95 22.96
C GLY A 13 -15.05 -3.49 22.68
N VAL A 14 -15.71 -2.64 23.45
CA VAL A 14 -15.55 -1.19 23.30
C VAL A 14 -14.53 -0.53 24.23
N ALA A 15 -13.52 -1.30 24.63
CA ALA A 15 -12.48 -0.79 25.51
C ALA A 15 -11.11 -0.53 24.88
N HIS A 16 -10.71 -1.41 23.96
CA HIS A 16 -9.43 -1.28 23.28
C HIS A 16 -9.53 -0.32 22.10
N THR A 17 -10.75 0.01 21.71
CA THR A 17 -10.98 0.92 20.59
C THR A 17 -10.99 2.40 20.97
N TYR A 18 -11.68 2.76 22.05
CA TYR A 18 -11.86 4.17 22.39
C TYR A 18 -10.62 4.87 22.93
N ALA A 20 -7.70 4.18 21.89
CA ALA A 20 -6.93 4.38 20.66
C ALA A 20 -7.41 5.65 19.98
N ALA A 21 -8.72 5.80 19.88
CA ALA A 21 -9.32 7.01 19.32
C ALA A 21 -9.00 8.21 20.21
N GLU A 22 -9.00 7.98 21.51
CA GLU A 22 -8.69 9.01 22.49
C GLU A 22 -7.29 9.58 22.29
N ARG A 23 -6.30 8.70 22.30
CA ARG A 23 -4.91 9.11 22.16
C ARG A 23 -4.69 9.86 20.85
N LEU A 24 -5.33 9.40 19.79
CA LEU A 24 -5.15 9.99 18.46
C LEU A 24 -5.75 11.39 18.38
N GLU A 25 -6.94 11.57 18.95
CA GLU A 25 -7.61 12.86 18.96
C GLU A 25 -6.73 13.93 19.59
N LYS A 26 -5.98 13.55 20.63
CA LYS A 26 -5.10 14.49 21.30
C LYS A 26 -3.68 14.49 20.75
N LEU A 27 -3.34 13.46 19.96
CA LEU A 27 -2.11 13.52 19.17
C LEU A 27 -2.31 14.52 18.05
N CYS A 28 -3.56 14.64 17.60
CA CYS A 28 -3.88 15.44 16.43
C CYS A 28 -3.97 16.93 16.71
N LEU A 29 -4.73 17.28 17.74
CA LEU A 29 -4.95 18.69 18.08
C LEU A 29 -3.63 19.34 18.48
N LEU A 30 -2.74 18.53 19.05
CA LEU A 30 -1.42 19.01 19.43
C LEU A 30 -0.62 19.41 18.19
N GLU A 31 -0.85 18.68 17.10
CA GLU A 31 -0.17 18.96 15.84
C GLU A 31 -1.04 19.84 14.96
N LYS A 32 -2.23 20.14 15.48
CA LYS A 32 -3.19 21.00 14.81
C LYS A 32 -3.66 20.43 13.50
N TRP A 33 -3.89 19.13 13.55
CA TRP A 33 -4.46 18.40 12.43
C TRP A 33 -5.95 18.26 12.67
N GLY A 34 -6.74 18.53 11.64
CA GLY A 34 -8.16 18.21 11.69
C GLY A 34 -8.29 16.70 11.64
N VAL A 35 -9.28 16.15 12.32
CA VAL A 35 -9.42 14.70 12.39
C VAL A 35 -10.82 14.20 12.67
N SER A 36 -11.25 13.22 11.87
CA SER A 36 -12.51 12.51 12.11
C SER A 36 -12.18 11.03 12.28
N ILE A 37 -12.69 10.43 13.36
CA ILE A 37 -12.36 9.06 13.68
C ILE A 37 -13.57 8.12 13.65
N GLU A 38 -13.50 7.11 12.80
CA GLU A 38 -14.54 6.09 12.75
C GLU A 38 -14.21 4.98 13.73
N THR A 39 -15.22 4.53 14.47
CA THR A 39 -15.04 3.44 15.42
C THR A 39 -15.79 2.19 14.97
N GLN A 40 -15.08 1.07 14.95
CA GLN A 40 -15.71 -0.22 14.65
C GLN A 40 -15.46 -1.19 15.81
N GLY A 41 -16.51 -1.50 16.55
CA GLY A 41 -16.40 -2.38 17.70
C GLY A 41 -17.60 -3.29 17.85
N ALA A 42 -17.70 -3.93 19.03
CA ALA A 42 -18.78 -4.87 19.32
C ALA A 42 -20.15 -4.18 19.31
N LEU A 43 -20.15 -2.86 19.51
CA LEU A 43 -21.37 -2.08 19.47
C LEU A 43 -21.68 -1.58 18.06
N GLY A 44 -20.82 -1.95 17.12
CA GLY A 44 -21.02 -1.58 15.72
C GLY A 44 -20.22 -0.36 15.32
N THR A 45 -20.51 0.17 14.15
CA THR A 45 -19.79 1.33 13.62
C THR A 45 -20.38 2.64 14.13
N GLU A 46 -19.54 3.48 14.72
CA GLU A 46 -19.96 4.78 15.22
C GLU A 46 -19.20 5.91 14.54
N ASN A 47 -19.90 7.02 14.30
CA ASN A 47 -19.34 8.15 13.56
C ASN A 47 -18.58 7.75 12.31
N ARG A 48 -19.19 6.86 11.55
CA ARG A 48 -18.71 6.47 10.22
C ARG A 48 -18.28 7.63 9.37
N LEU A 49 -17.17 7.44 8.66
CA LEU A 49 -16.60 8.51 7.86
C LEU A 49 -17.46 8.78 6.64
N ALA A 50 -17.87 10.04 6.49
CA ALA A 50 -18.49 10.49 5.26
C ALA A 50 -17.40 10.38 4.20
N ASP A 51 -17.77 10.02 2.97
CA ASP A 51 -16.75 9.83 1.96
C ASP A 51 -16.20 11.13 1.39
N GLU A 52 -16.98 12.21 1.52
CA GLU A 52 -16.45 13.53 1.23
C GLU A 52 -15.31 13.85 2.19
N ASP A 53 -15.40 13.31 3.42
CA ASP A 53 -14.34 13.44 4.40
C ASP A 53 -13.13 12.64 3.97
N ILE A 54 -13.37 11.43 3.48
CA ILE A 54 -12.31 10.51 3.07
C ILE A 54 -11.62 11.00 1.80
N ARG A 55 -12.40 11.63 0.92
CA ARG A 55 -11.90 12.09 -0.38
C ARG A 55 -11.17 13.43 -0.29
N ARG A 56 -11.36 14.15 0.80
CA ARG A 56 -10.65 15.41 0.99
C ARG A 56 -9.62 15.31 2.10
N ALA A 57 -9.52 14.14 2.71
CA ALA A 57 -8.49 13.88 3.71
C ALA A 57 -7.14 13.78 3.02
N ASP A 58 -6.10 14.31 3.66
CA ASP A 58 -4.77 14.26 3.09
C ASP A 58 -4.11 12.91 3.34
N VAL A 59 -4.57 12.22 4.37
CA VAL A 59 -4.04 10.91 4.73
C VAL A 59 -5.00 10.20 5.69
N ALA A 60 -5.07 8.88 5.61
CA ALA A 60 -5.88 8.10 6.52
C ALA A 60 -5.00 7.31 7.49
N LEU A 61 -5.50 7.05 8.69
CA LEU A 61 -4.80 6.21 9.65
C LEU A 61 -5.67 5.03 10.03
N LEU A 62 -5.17 3.84 9.78
CA LEU A 62 -5.93 2.62 10.06
C LEU A 62 -5.33 1.86 11.23
N ILE A 63 -5.92 2.06 12.41
CA ILE A 63 -5.47 1.40 13.62
C ILE A 63 -6.34 0.18 13.89
N THR A 64 -5.90 -0.98 13.40
CA THR A 64 -6.74 -2.17 13.49
C THR A 64 -5.98 -3.48 13.54
N ASP A 65 -6.51 -4.42 14.31
CA ASP A 65 -6.02 -5.79 14.31
C ASP A 65 -6.80 -6.54 13.25
N ILE A 66 -8.08 -6.21 13.15
CA ILE A 66 -9.04 -6.98 12.37
C ILE A 66 -9.23 -6.48 10.94
N GLU A 67 -10.21 -7.08 10.27
CA GLU A 67 -10.57 -6.71 8.91
C GLU A 67 -11.62 -5.60 8.95
N LEU A 68 -11.26 -4.43 8.44
CA LEU A 68 -12.17 -3.28 8.46
C LEU A 68 -13.34 -3.46 7.52
N ALA A 69 -14.54 -3.14 8.00
CA ALA A 69 -15.67 -2.99 7.11
C ALA A 69 -15.42 -1.73 6.32
N GLY A 70 -15.64 -1.79 5.01
CA GLY A 70 -15.36 -0.66 4.15
C GLY A 70 -13.87 -0.35 4.09
N ALA A 71 -13.03 -1.37 4.22
CA ALA A 71 -11.60 -1.22 3.98
C ALA A 71 -11.44 -0.77 2.54
N GLU A 72 -12.43 -1.13 1.74
CA GLU A 72 -12.61 -0.68 0.37
C GLU A 72 -12.42 0.84 0.19
N ARG A 73 -12.76 1.62 1.21
CA ARG A 73 -12.98 3.06 1.02
C ARG A 73 -11.67 3.82 0.93
N PHE A 74 -10.59 3.15 1.31
CA PHE A 74 -9.30 3.79 1.48
C PHE A 74 -8.29 3.36 0.42
N GLU A 75 -8.74 2.67 -0.62
CA GLU A 75 -7.81 2.16 -1.63
C GLU A 75 -7.13 3.27 -2.42
N HIS A 76 -7.78 4.42 -2.52
CA HIS A 76 -7.20 5.57 -3.23
C HIS A 76 -6.75 6.67 -2.29
N CYS A 77 -6.39 6.29 -1.07
CA CYS A 77 -5.90 7.26 -0.10
C CYS A 77 -4.46 6.99 0.28
N ARG A 78 -3.71 8.04 0.59
CA ARG A 78 -2.46 7.88 1.30
C ARG A 78 -2.86 7.40 2.68
N TYR A 79 -2.27 6.30 3.14
CA TYR A 79 -2.58 5.87 4.51
C TYR A 79 -1.48 5.07 5.21
N VAL A 80 -1.56 5.09 6.53
CA VAL A 80 -0.71 4.27 7.38
C VAL A 80 -1.61 3.29 8.13
N GLN A 81 -1.23 2.02 8.12
CA GLN A 81 -1.99 1.00 8.84
C GLN A 81 -1.14 0.31 9.89
N CYS A 82 -1.73 0.12 11.07
CA CYS A 82 -1.06 -0.59 12.15
C CYS A 82 -2.08 -1.22 13.08
N SER A 83 -1.62 -2.16 13.91
CA SER A 83 -2.50 -2.79 14.89
C SER A 83 -2.71 -1.85 16.06
N ILE A 84 -3.75 -2.11 16.85
CA ILE A 84 -4.06 -1.27 18.01
C ILE A 84 -2.97 -1.32 19.07
N TYR A 85 -2.60 -2.51 19.52
CA TYR A 85 -1.62 -2.60 20.59
C TYR A 85 -0.26 -2.04 20.17
N ALA A 86 -0.04 -1.90 18.87
CA ALA A 86 1.13 -1.20 18.34
C ALA A 86 1.05 0.32 18.45
N PHE A 87 -0.12 0.88 18.10
CA PHE A 87 -0.34 2.31 18.23
C PHE A 87 -0.30 2.69 19.70
N LEU A 88 -0.79 1.80 20.54
CA LEU A 88 -0.81 2.04 21.97
C LEU A 88 0.59 2.07 22.61
N ARG A 89 1.42 1.07 22.32
CA ARG A 89 2.69 0.94 23.05
C ARG A 89 3.52 2.16 22.74
N GLU A 90 3.65 2.49 21.46
CA GLU A 90 4.37 3.70 21.09
C GLU A 90 3.80 4.43 19.88
N PRO A 91 3.09 5.54 20.14
CA PRO A 91 2.36 6.26 19.11
C PRO A 91 3.15 7.26 18.25
N GLN A 92 4.31 7.75 18.69
CA GLN A 92 4.98 8.80 17.91
C GLN A 92 5.52 8.17 16.63
N ARG A 93 5.90 6.90 16.73
CA ARG A 93 6.28 6.14 15.56
C ARG A 93 5.25 6.27 14.47
N VAL A 94 3.98 6.18 14.86
CA VAL A 94 2.87 6.18 13.94
C VAL A 94 2.67 7.52 13.24
N SER A 96 4.64 10.03 12.78
CA SER A 96 5.77 10.48 11.97
C SER A 96 5.79 9.65 10.69
N ALA A 97 5.29 8.44 10.78
CA ALA A 97 5.04 7.63 9.59
C ALA A 97 3.94 8.31 8.79
N VAL A 98 2.89 8.75 9.50
CA VAL A 98 1.79 9.49 8.91
C VAL A 98 2.28 10.77 8.23
N ARG A 99 3.27 11.42 8.82
CA ARG A 99 3.73 12.70 8.31
C ARG A 99 4.66 12.51 7.10
N LYS A 100 5.30 11.35 7.03
CA LYS A 100 6.03 10.96 5.82
C LYS A 100 5.07 10.71 4.66
N VAL A 101 4.11 9.82 4.89
CA VAL A 101 3.08 9.50 3.90
C VAL A 101 2.37 10.77 3.44
N LEU A 102 2.20 11.71 4.36
CA LEU A 102 1.69 13.02 4.05
C LEU A 102 2.68 13.79 3.17
N SER A 103 3.95 13.72 3.54
CA SER A 103 5.01 14.45 2.85
C SER A 103 5.37 13.85 1.49
N ALA A 104 5.68 12.55 1.49
CA ALA A 104 6.13 11.83 0.28
C ALA A 104 5.26 12.12 -0.94
N PRO A 105 5.91 12.33 -2.08
CA PRO A 105 5.20 12.70 -3.31
C PRO A 105 3.99 11.84 -3.68
N GLN A 106 4.15 10.52 -3.70
CA GLN A 106 3.12 9.64 -4.23
C GLN A 106 2.14 9.05 -3.21
N GLN A 107 1.05 8.48 -3.73
CA GLN A 107 0.04 7.80 -2.92
C GLN A 107 0.71 6.53 -2.42
N THR A 108 1.24 6.58 -1.21
CA THR A 108 1.90 5.44 -0.61
C THR A 108 0.98 4.87 0.48
N HIS A 109 0.91 3.55 0.54
CA HIS A 109 0.31 2.85 1.66
C HIS A 109 1.45 2.38 2.54
N LEU A 110 1.32 2.55 3.85
CA LEU A 110 2.38 2.14 4.76
C LEU A 110 1.82 1.21 5.83
N ILE A 111 2.31 -0.02 5.84
CA ILE A 111 1.98 -0.92 6.93
C ILE A 111 3.07 -0.85 7.96
N LEU A 112 2.67 -0.54 9.19
CA LEU A 112 3.62 -0.43 10.29
C LEU A 112 3.35 -1.51 11.34
N GLU A 113 4.18 -1.54 12.38
CA GLU A 113 4.04 -2.51 13.44
C GLU A 113 2.60 -2.93 13.71
N ALA B 2 20.33 -5.53 -5.73
CA ALA B 2 18.92 -5.73 -5.38
C ALA B 2 18.31 -6.85 -6.22
N TYR B 3 17.29 -7.50 -5.66
CA TYR B 3 16.58 -8.54 -6.38
C TYR B 3 15.09 -8.19 -6.52
N LEU B 4 14.65 -8.03 -7.75
CA LEU B 4 13.29 -7.58 -8.04
C LEU B 4 12.46 -8.69 -8.65
N VAL B 5 11.24 -8.88 -8.16
CA VAL B 5 10.29 -9.76 -8.84
C VAL B 5 9.20 -8.89 -9.44
N ALA B 6 8.57 -9.38 -10.51
CA ALA B 6 7.59 -8.56 -11.21
C ALA B 6 6.51 -9.38 -11.89
N VAL B 7 5.36 -8.75 -12.10
CA VAL B 7 4.29 -9.35 -12.87
C VAL B 7 3.73 -8.33 -13.86
N THR B 8 3.73 -8.70 -15.13
CA THR B 8 3.13 -7.87 -16.17
C THR B 8 1.83 -8.53 -16.62
N ALA B 9 0.76 -7.76 -16.72
CA ALA B 9 -0.54 -8.32 -17.04
C ALA B 9 -1.36 -7.50 -18.02
N CYS B 10 -1.94 -8.19 -19.00
CA CYS B 10 -2.84 -7.59 -19.98
C CYS B 10 -3.97 -8.60 -20.13
N VAL B 11 -5.21 -8.11 -20.22
CA VAL B 11 -6.37 -8.98 -20.39
C VAL B 11 -6.16 -9.98 -21.52
N SER B 12 -6.00 -9.48 -22.75
CA SER B 12 -5.68 -10.35 -23.87
C SER B 12 -4.38 -11.04 -23.54
N GLY B 13 -3.31 -10.27 -23.38
CA GLY B 13 -2.08 -10.79 -22.80
C GLY B 13 -1.16 -11.67 -23.63
N VAL B 14 -0.80 -11.19 -24.82
CA VAL B 14 0.28 -11.77 -25.61
C VAL B 14 1.30 -10.73 -26.07
N ALA B 15 0.83 -9.56 -26.49
CA ALA B 15 1.70 -8.53 -27.04
C ALA B 15 2.14 -7.44 -26.06
N HIS B 16 1.20 -6.91 -25.29
CA HIS B 16 1.46 -5.74 -24.45
C HIS B 16 2.19 -6.25 -23.23
N THR B 17 2.11 -7.54 -22.99
CA THR B 17 2.68 -8.12 -21.78
C THR B 17 4.16 -8.42 -21.97
N TYR B 18 4.54 -8.90 -23.15
CA TYR B 18 5.91 -9.29 -23.41
C TYR B 18 6.88 -8.11 -23.57
N ALA B 20 6.54 -5.19 -22.08
CA ALA B 20 6.70 -4.64 -20.74
C ALA B 20 7.79 -5.41 -20.02
N ALA B 21 7.74 -6.74 -20.13
CA ALA B 21 8.68 -7.62 -19.45
C ALA B 21 10.09 -7.43 -19.99
N GLU B 22 10.19 -7.35 -21.32
CA GLU B 22 11.49 -7.18 -21.97
C GLU B 22 12.16 -5.87 -21.59
N ARG B 23 11.37 -4.80 -21.54
CA ARG B 23 11.87 -3.48 -21.14
C ARG B 23 12.44 -3.56 -19.74
N LEU B 24 11.70 -4.21 -18.85
CA LEU B 24 12.11 -4.33 -17.45
C LEU B 24 13.37 -5.16 -17.31
N GLU B 25 13.53 -6.15 -18.19
CA GLU B 25 14.72 -6.98 -18.18
C GLU B 25 15.97 -6.17 -18.52
N LYS B 26 15.82 -5.17 -19.37
CA LYS B 26 16.96 -4.32 -19.72
C LYS B 26 17.09 -3.14 -18.77
N LEU B 27 16.01 -2.76 -18.12
CA LEU B 27 16.11 -1.78 -17.05
C LEU B 27 16.91 -2.37 -15.89
N CYS B 28 16.58 -3.61 -15.54
CA CYS B 28 17.26 -4.32 -14.46
C CYS B 28 18.70 -4.64 -14.82
N LEU B 29 18.91 -4.88 -16.12
CA LEU B 29 20.24 -4.91 -16.73
C LEU B 29 21.11 -3.75 -16.29
N LEU B 30 20.61 -2.56 -16.57
CA LEU B 30 21.38 -1.32 -16.43
C LEU B 30 21.72 -1.05 -14.97
N GLU B 31 20.71 -1.14 -14.12
CA GLU B 31 20.89 -0.86 -12.69
C GLU B 31 21.51 -2.04 -11.95
N LYS B 32 21.92 -3.05 -12.70
CA LYS B 32 22.48 -4.29 -12.14
C LYS B 32 21.62 -4.87 -11.02
N TRP B 33 20.35 -5.13 -11.34
CA TRP B 33 19.43 -5.74 -10.42
C TRP B 33 19.12 -7.17 -10.83
N GLY B 34 18.97 -8.06 -9.85
CA GLY B 34 18.49 -9.40 -10.13
C GLY B 34 16.99 -9.33 -10.34
N VAL B 35 16.47 -10.10 -11.29
CA VAL B 35 15.05 -10.01 -11.62
C VAL B 35 14.42 -11.30 -12.14
N SER B 36 13.22 -11.58 -11.64
CA SER B 36 12.41 -12.69 -12.14
C SER B 36 11.03 -12.14 -12.52
N ILE B 37 10.61 -12.40 -13.75
CA ILE B 37 9.37 -11.80 -14.24
C ILE B 37 8.27 -12.83 -14.53
N GLU B 38 7.11 -12.62 -13.91
CA GLU B 38 5.94 -13.46 -14.19
C GLU B 38 5.06 -12.78 -15.22
N THR B 39 4.56 -13.57 -16.16
CA THR B 39 3.69 -13.07 -17.22
C THR B 39 2.28 -13.63 -17.08
N GLN B 40 1.28 -12.74 -17.07
CA GLN B 40 -0.11 -13.16 -17.05
C GLN B 40 -0.84 -12.62 -18.27
N GLY B 41 -1.30 -13.53 -19.13
CA GLY B 41 -2.02 -13.14 -20.32
C GLY B 41 -3.14 -14.12 -20.64
N ALA B 42 -3.74 -13.96 -21.82
CA ALA B 42 -4.82 -14.86 -22.24
C ALA B 42 -4.29 -16.25 -22.57
N LEU B 43 -2.97 -16.37 -22.67
CA LEU B 43 -2.34 -17.68 -22.78
C LEU B 43 -1.93 -18.18 -21.39
N GLY B 44 -2.32 -17.44 -20.37
CA GLY B 44 -2.13 -17.89 -19.00
C GLY B 44 -0.83 -17.43 -18.36
N THR B 45 -0.61 -17.87 -17.12
CA THR B 45 0.55 -17.48 -16.34
C THR B 45 1.81 -18.22 -16.80
N GLU B 46 2.85 -17.46 -17.09
CA GLU B 46 4.13 -18.03 -17.50
C GLU B 46 5.25 -17.50 -16.61
N ASN B 47 6.26 -18.34 -16.38
CA ASN B 47 7.33 -18.04 -15.44
C ASN B 47 6.78 -17.62 -14.08
N ARG B 48 5.74 -18.32 -13.64
CA ARG B 48 5.06 -18.01 -12.39
C ARG B 48 6.04 -17.90 -11.24
N LEU B 49 6.06 -16.74 -10.59
CA LEU B 49 6.95 -16.49 -9.47
C LEU B 49 6.67 -17.49 -8.36
N ALA B 50 7.65 -18.31 -8.03
CA ALA B 50 7.49 -19.19 -6.89
C ALA B 50 7.62 -18.31 -5.67
N ASP B 51 7.02 -18.73 -4.57
CA ASP B 51 6.99 -17.93 -3.36
C ASP B 51 8.34 -17.91 -2.65
N GLU B 52 9.28 -18.69 -3.14
CA GLU B 52 10.66 -18.57 -2.71
C GLU B 52 11.25 -17.26 -3.24
N ASP B 53 11.06 -16.99 -4.52
CA ASP B 53 11.53 -15.77 -5.17
C ASP B 53 10.99 -14.55 -4.45
N ILE B 54 9.69 -14.59 -4.19
CA ILE B 54 8.95 -13.45 -3.70
C ILE B 54 9.40 -13.07 -2.29
N ARG B 55 9.77 -14.07 -1.50
CA ARG B 55 10.21 -13.81 -0.14
C ARG B 55 11.69 -13.41 -0.13
N ARG B 56 12.43 -13.87 -1.12
CA ARG B 56 13.85 -13.56 -1.23
C ARG B 56 14.04 -12.14 -1.77
N ALA B 57 12.97 -11.58 -2.32
CA ALA B 57 13.05 -10.30 -3.03
C ALA B 57 12.97 -9.07 -2.13
N ASP B 58 13.64 -8.00 -2.56
CA ASP B 58 13.68 -6.74 -1.80
C ASP B 58 12.48 -5.85 -2.12
N VAL B 59 11.96 -5.98 -3.34
CA VAL B 59 10.82 -5.18 -3.78
C VAL B 59 10.17 -5.82 -4.99
N ALA B 60 8.85 -5.68 -5.10
CA ALA B 60 8.12 -6.22 -6.25
C ALA B 60 7.63 -5.09 -7.15
N LEU B 61 7.45 -5.40 -8.43
CA LEU B 61 6.93 -4.41 -9.38
C LEU B 61 5.73 -4.97 -10.13
N LEU B 62 4.56 -4.38 -9.89
CA LEU B 62 3.32 -4.89 -10.48
C LEU B 62 2.85 -4.00 -11.63
N ILE B 63 3.21 -4.39 -12.84
CA ILE B 63 2.79 -3.66 -14.03
C ILE B 63 1.53 -4.30 -14.59
N THR B 64 0.37 -3.69 -14.37
CA THR B 64 -0.88 -4.33 -14.75
C THR B 64 -2.08 -3.40 -14.92
N ASP B 65 -2.99 -3.82 -15.79
CA ASP B 65 -4.29 -3.17 -15.92
C ASP B 65 -5.30 -4.16 -15.39
N ILE B 66 -4.86 -5.11 -14.56
CA ILE B 66 -5.74 -6.20 -14.21
C ILE B 66 -5.66 -6.70 -12.78
N GLU B 67 -6.67 -7.45 -12.40
CA GLU B 67 -6.74 -8.09 -11.09
C GLU B 67 -5.80 -9.30 -10.97
N LEU B 68 -4.55 -9.03 -10.61
CA LEU B 68 -3.48 -10.00 -10.60
C LEU B 68 -3.98 -11.29 -9.96
N ALA B 69 -3.77 -12.40 -10.67
CA ALA B 69 -4.03 -13.70 -10.10
C ALA B 69 -3.03 -13.86 -8.97
N GLY B 70 -3.52 -14.21 -7.78
CA GLY B 70 -2.67 -14.36 -6.63
C GLY B 70 -2.01 -13.05 -6.26
N ALA B 71 -2.76 -11.96 -6.33
CA ALA B 71 -2.24 -10.65 -5.94
C ALA B 71 -1.87 -10.65 -4.46
N GLU B 72 -2.44 -11.59 -3.72
CA GLU B 72 -2.24 -11.66 -2.27
C GLU B 72 -0.86 -12.17 -1.90
N ARG B 73 -0.18 -12.80 -2.85
CA ARG B 73 1.20 -13.24 -2.66
C ARG B 73 2.11 -12.07 -2.29
N PHE B 74 1.68 -10.85 -2.62
CA PHE B 74 2.54 -9.68 -2.53
C PHE B 74 2.20 -8.69 -1.41
N GLU B 75 1.25 -9.03 -0.54
CA GLU B 75 0.84 -8.10 0.51
C GLU B 75 1.92 -7.83 1.55
N HIS B 76 2.80 -8.80 1.78
CA HIS B 76 3.87 -8.64 2.75
C HIS B 76 5.17 -8.10 2.15
N CYS B 77 5.07 -7.59 0.92
CA CYS B 77 6.23 -7.04 0.23
C CYS B 77 6.19 -5.53 -0.01
N ARG B 78 7.36 -4.92 -0.08
CA ARG B 78 7.49 -3.57 -0.60
C ARG B 78 7.22 -3.66 -2.09
N TYR B 79 6.32 -2.85 -2.62
CA TYR B 79 6.09 -2.89 -4.06
C TYR B 79 5.60 -1.61 -4.71
N VAL B 80 5.78 -1.56 -6.03
CA VAL B 80 5.26 -0.49 -6.86
C VAL B 80 4.29 -1.06 -7.87
N GLN B 81 3.07 -0.56 -7.88
CA GLN B 81 2.09 -0.99 -8.88
C GLN B 81 1.77 0.14 -9.84
N CYS B 82 1.69 -0.19 -11.13
CA CYS B 82 1.32 0.78 -12.16
C CYS B 82 0.70 0.06 -13.34
N SER B 83 0.06 0.81 -14.22
CA SER B 83 -0.59 0.23 -15.39
C SER B 83 0.42 -0.12 -16.47
N ILE B 84 0.00 -0.95 -17.42
CA ILE B 84 0.85 -1.33 -18.55
C ILE B 84 1.28 -0.14 -19.38
N TYR B 85 0.29 0.63 -19.83
CA TYR B 85 0.54 1.80 -20.66
C TYR B 85 1.32 2.91 -19.94
N ALA B 86 1.53 2.76 -18.64
CA ALA B 86 2.26 3.77 -17.88
C ALA B 86 3.74 3.49 -17.76
N PHE B 87 4.05 2.21 -17.65
CA PHE B 87 5.43 1.73 -17.56
C PHE B 87 6.09 1.93 -18.91
N LEU B 88 5.34 1.66 -19.97
CA LEU B 88 5.85 1.82 -21.33
C LEU B 88 6.10 3.28 -21.70
N ARG B 89 5.21 4.18 -21.26
CA ARG B 89 5.37 5.61 -21.53
C ARG B 89 6.61 6.27 -20.94
N GLU B 90 6.72 6.26 -19.62
CA GLU B 90 7.87 6.87 -19.00
C GLU B 90 8.13 5.95 -17.81
N PRO B 91 9.21 5.15 -17.90
CA PRO B 91 9.47 4.08 -16.93
C PRO B 91 10.46 4.53 -15.86
N GLN B 92 11.05 5.72 -15.95
CA GLN B 92 12.07 6.04 -14.97
C GLN B 92 11.47 6.81 -13.79
N ARG B 93 10.19 7.17 -13.90
CA ARG B 93 9.39 7.38 -12.71
C ARG B 93 9.42 6.06 -11.98
N VAL B 94 9.01 5.03 -12.70
CA VAL B 94 8.82 3.70 -12.16
C VAL B 94 10.08 3.14 -11.52
N SER B 96 12.68 4.71 -10.61
CA SER B 96 13.03 5.59 -9.50
C SER B 96 12.08 5.36 -8.33
N ALA B 97 10.78 5.20 -8.64
CA ALA B 97 9.79 4.90 -7.62
C ALA B 97 10.14 3.57 -6.95
N VAL B 98 10.66 2.65 -7.73
CA VAL B 98 11.12 1.37 -7.20
C VAL B 98 12.31 1.59 -6.26
N ARG B 99 13.22 2.47 -6.65
CA ARG B 99 14.40 2.72 -5.82
C ARG B 99 14.07 3.55 -4.58
N LYS B 100 12.97 4.27 -4.61
CA LYS B 100 12.49 4.96 -3.41
C LYS B 100 11.96 3.94 -2.41
N VAL B 101 10.98 3.15 -2.85
CA VAL B 101 10.41 2.08 -2.04
C VAL B 101 11.50 1.12 -1.55
N LEU B 102 12.51 0.91 -2.40
CA LEU B 102 13.66 0.08 -2.06
C LEU B 102 14.47 0.72 -0.93
N SER B 103 14.60 2.05 -0.98
CA SER B 103 15.39 2.80 0.00
C SER B 103 14.62 3.07 1.28
N ALA B 104 13.36 3.47 1.12
CA ALA B 104 12.49 3.87 2.24
C ALA B 104 12.61 2.95 3.45
N PRO B 105 12.90 3.53 4.61
CA PRO B 105 13.02 2.75 5.85
C PRO B 105 11.73 2.00 6.18
N GLN B 106 10.63 2.39 5.56
CA GLN B 106 9.33 1.75 5.81
C GLN B 106 8.96 0.78 4.69
N GLN B 107 7.99 -0.10 4.97
CA GLN B 107 7.50 -1.05 3.98
C GLN B 107 6.30 -0.49 3.24
N THR B 108 6.56 0.33 2.23
CA THR B 108 5.49 1.01 1.51
C THR B 108 4.97 0.26 0.29
N HIS B 109 3.67 0.40 0.04
CA HIS B 109 3.08 0.07 -1.25
C HIS B 109 2.92 1.38 -2.00
N LEU B 110 3.40 1.44 -3.22
CA LEU B 110 3.31 2.68 -4.01
C LEU B 110 2.55 2.44 -5.31
N ILE B 111 1.41 3.13 -5.46
CA ILE B 111 0.65 3.08 -6.70
C ILE B 111 0.97 4.30 -7.56
N LEU B 112 1.21 4.07 -8.85
CA LEU B 112 1.50 5.16 -9.78
C LEU B 112 0.39 5.31 -10.83
N GLU B 113 0.25 6.53 -11.34
CA GLU B 113 -0.76 6.89 -12.33
C GLU B 113 -2.19 6.46 -11.93
#